data_9MDV
#
_entry.id   9MDV
#
_cell.length_a   44.374
_cell.length_b   94.507
_cell.length_c   60.954
_cell.angle_alpha   90.00
_cell.angle_beta   96.86
_cell.angle_gamma   90.00
#
_symmetry.space_group_name_H-M   'P 1 21 1'
#
loop_
_entity.id
_entity.type
_entity.pdbx_description
1 polymer 'Estrogen receptor'
2 non-polymer GLYCEROL
3 water water
#
_entity_poly.entity_id   1
_entity_poly.type   'polypeptide(L)'
_entity_poly.pdbx_seq_one_letter_code
;MHHHHHHMPPEQVLILLQGAEPPILCSRQKLSRPYTEVTMMTLLTSMADKELVHMIAWAKKLPGFLQLSLHDQVLLLESS
WLEVLMIGLIWRSIHCPGKLIFAQDLILDRNEGDCVEGMTEIFDMLLATASRFRLLKLKPEEFLCLKAIILLNSGAFSFC
TGTMEPLHDSTAVQNMLDTITDALIHHISQSGYSAQQQARRQAQLLLLLSHIRHMSNKGMEHLYSMKCKNKVPLYDLLLE
MLDAHHLHQPV
;
_entity_poly.pdbx_strand_id   A,B
#
# COMPACT_ATOMS: atom_id res chain seq x y z
N HIS A 7 -6.18 26.18 5.98
CA HIS A 7 -5.88 25.49 4.74
C HIS A 7 -5.77 26.45 3.57
N MET A 8 -4.69 26.31 2.79
CA MET A 8 -4.57 27.04 1.54
C MET A 8 -5.73 26.65 0.63
N PRO A 9 -6.43 27.60 0.01
CA PRO A 9 -7.59 27.28 -0.82
C PRO A 9 -7.22 26.31 -1.92
N PRO A 10 -8.14 25.40 -2.29
CA PRO A 10 -7.78 24.35 -3.26
C PRO A 10 -7.36 24.88 -4.61
N GLU A 11 -8.01 25.93 -5.11
CA GLU A 11 -7.61 26.52 -6.38
C GLU A 11 -6.18 27.03 -6.34
N GLN A 12 -5.75 27.56 -5.19
CA GLN A 12 -4.35 27.95 -5.04
C GLN A 12 -3.43 26.74 -4.92
N VAL A 13 -3.94 25.63 -4.36
CA VAL A 13 -3.13 24.43 -4.21
C VAL A 13 -2.75 23.87 -5.58
N LEU A 14 -3.71 23.85 -6.51
CA LEU A 14 -3.46 23.25 -7.82
C LEU A 14 -2.47 24.07 -8.64
N ILE A 15 -2.46 25.40 -8.49
CA ILE A 15 -1.52 26.23 -9.22
C ILE A 15 -0.11 26.06 -8.66
N LEU A 16 0.00 25.96 -7.33
CA LEU A 16 1.30 25.69 -6.71
C LEU A 16 1.83 24.33 -7.16
N LEU A 17 0.98 23.31 -7.14
CA LEU A 17 1.41 21.97 -7.54
C LEU A 17 1.83 21.95 -9.00
N GLN A 18 1.07 22.64 -9.86
CA GLN A 18 1.48 22.73 -11.26
C GLN A 18 2.77 23.53 -11.40
N GLY A 19 2.89 24.65 -10.67
CA GLY A 19 4.10 25.45 -10.73
C GLY A 19 5.31 24.75 -10.17
N ALA A 20 5.12 23.76 -9.29
CA ALA A 20 6.22 23.05 -8.67
C ALA A 20 6.59 21.77 -9.39
N GLU A 21 5.99 21.49 -10.54
CA GLU A 21 6.31 20.27 -11.26
C GLU A 21 7.76 20.31 -11.75
N PRO A 22 8.48 19.19 -11.66
CA PRO A 22 9.85 19.18 -12.18
C PRO A 22 9.86 19.37 -13.68
N PRO A 23 10.95 19.91 -14.23
CA PRO A 23 11.03 20.08 -15.69
C PRO A 23 11.03 18.75 -16.41
N ILE A 24 10.79 18.81 -17.73
CA ILE A 24 10.85 17.61 -18.55
C ILE A 24 12.27 17.05 -18.54
N LEU A 25 12.39 15.74 -18.39
CA LEU A 25 13.66 15.09 -18.22
C LEU A 25 14.06 14.34 -19.48
N CYS A 26 15.37 14.31 -19.73
CA CYS A 26 15.95 13.53 -20.82
C CYS A 26 17.18 12.79 -20.28
N SER A 27 17.54 11.71 -20.96
CA SER A 27 18.72 10.94 -20.58
C SER A 27 19.99 11.76 -20.81
N LYS A 30 22.52 9.42 -23.97
CA LYS A 30 21.98 9.02 -25.26
C LYS A 30 22.63 7.73 -25.75
N LEU A 31 22.28 6.62 -25.11
CA LEU A 31 22.84 5.33 -25.45
C LEU A 31 22.13 4.74 -26.66
N SER A 32 22.85 3.90 -27.41
CA SER A 32 22.33 3.33 -28.64
C SER A 32 21.61 2.01 -28.38
N ARG A 33 20.56 1.78 -29.17
CA ARG A 33 19.82 0.52 -29.15
C ARG A 33 20.55 -0.52 -30.00
N PRO A 34 20.35 -1.82 -29.70
CA PRO A 34 19.53 -2.39 -28.63
C PRO A 34 20.29 -2.42 -27.31
N TYR A 35 19.57 -2.40 -26.19
CA TYR A 35 20.21 -2.45 -24.89
C TYR A 35 20.49 -3.88 -24.47
N THR A 36 21.57 -4.05 -23.72
CA THR A 36 21.92 -5.32 -23.09
C THR A 36 21.73 -5.19 -21.59
N GLU A 37 22.00 -6.28 -20.87
CA GLU A 37 21.83 -6.27 -19.42
C GLU A 37 22.65 -5.16 -18.79
N VAL A 38 23.83 -4.87 -19.32
CA VAL A 38 24.67 -3.85 -18.71
C VAL A 38 24.18 -2.45 -19.04
N THR A 39 23.72 -2.22 -20.28
CA THR A 39 23.30 -0.87 -20.66
C THR A 39 21.94 -0.52 -20.07
N MET A 40 21.06 -1.51 -19.92
CA MET A 40 19.77 -1.27 -19.29
C MET A 40 19.92 -0.73 -17.87
N MET A 41 20.97 -1.16 -17.17
CA MET A 41 21.13 -0.75 -15.78
C MET A 41 21.77 0.63 -15.67
N THR A 42 22.76 0.91 -16.53
CA THR A 42 23.19 2.30 -16.69
C THR A 42 22.03 3.20 -17.05
N LEU A 43 21.10 2.68 -17.87
CA LEU A 43 19.93 3.45 -18.26
C LEU A 43 19.00 3.70 -17.08
N LEU A 44 18.62 2.64 -16.36
CA LEU A 44 17.60 2.77 -15.32
C LEU A 44 18.13 3.55 -14.13
N THR A 45 19.38 3.31 -13.73
CA THR A 45 19.93 4.05 -12.59
C THR A 45 20.16 5.51 -12.93
N SER A 46 20.60 5.80 -14.15
CA SER A 46 20.82 7.19 -14.54
C SER A 46 19.52 7.99 -14.47
N MET A 47 18.41 7.39 -14.88
CA MET A 47 17.13 8.09 -14.80
C MET A 47 16.60 8.11 -13.38
N ALA A 48 16.77 7.02 -12.64
CA ALA A 48 16.31 6.98 -11.25
C ALA A 48 17.00 8.06 -10.42
N ASP A 49 18.32 8.15 -10.53
CA ASP A 49 19.05 9.20 -9.79
C ASP A 49 18.61 10.58 -10.24
N LYS A 50 18.46 10.77 -11.56
CA LYS A 50 17.99 12.06 -12.06
C LYS A 50 16.58 12.36 -11.57
N GLU A 51 15.71 11.35 -11.58
CA GLU A 51 14.36 11.55 -11.07
C GLU A 51 14.36 11.85 -9.59
N LEU A 52 15.23 11.18 -8.82
CA LEU A 52 15.28 11.41 -7.38
C LEU A 52 15.75 12.81 -7.05
N VAL A 53 16.75 13.31 -7.78
CA VAL A 53 17.21 14.68 -7.59
C VAL A 53 16.06 15.66 -7.79
N HIS A 54 15.28 15.46 -8.86
CA HIS A 54 14.19 16.39 -9.15
C HIS A 54 13.03 16.22 -8.17
N MET A 55 12.84 15.02 -7.61
CA MET A 55 11.79 14.85 -6.61
C MET A 55 12.15 15.60 -5.33
N ILE A 56 13.39 15.45 -4.87
CA ILE A 56 13.82 16.14 -3.66
C ILE A 56 13.62 17.64 -3.81
N ALA A 57 14.05 18.20 -4.95
CA ALA A 57 13.82 19.62 -5.20
C ALA A 57 12.33 19.93 -5.26
N TRP A 58 11.54 19.01 -5.81
CA TRP A 58 10.09 19.21 -5.87
C TRP A 58 9.48 19.23 -4.48
N ALA A 59 9.93 18.32 -3.60
CA ALA A 59 9.41 18.28 -2.25
C ALA A 59 9.65 19.59 -1.51
N LYS A 60 10.81 20.21 -1.75
CA LYS A 60 11.14 21.44 -1.04
C LYS A 60 10.28 22.62 -1.45
N LYS A 61 9.57 22.52 -2.58
CA LYS A 61 8.74 23.62 -3.04
C LYS A 61 7.32 23.59 -2.45
N LEU A 62 6.94 22.50 -1.80
CA LEU A 62 5.61 22.43 -1.20
C LEU A 62 5.58 23.17 0.13
N PRO A 63 4.53 23.95 0.41
CA PRO A 63 4.46 24.73 1.66
C PRO A 63 4.37 23.82 2.87
N GLY A 64 5.33 23.94 3.77
CA GLY A 64 5.38 23.14 4.97
C GLY A 64 6.46 22.09 4.97
N PHE A 65 7.06 21.77 3.82
CA PHE A 65 8.06 20.71 3.80
C PHE A 65 9.34 21.15 4.49
N LEU A 66 9.74 22.41 4.31
CA LEU A 66 10.98 22.89 4.91
C LEU A 66 10.84 23.19 6.39
N GLN A 67 9.63 23.46 6.89
N GLN A 67 9.61 23.45 6.86
CA GLN A 67 9.50 23.65 8.32
CA GLN A 67 9.36 23.63 8.29
C GLN A 67 9.58 22.34 9.10
C GLN A 67 9.66 22.35 9.06
N LEU A 68 9.49 21.20 8.43
CA LEU A 68 9.72 19.93 9.09
C LEU A 68 11.21 19.76 9.40
N SER A 69 11.49 18.90 10.38
CA SER A 69 12.86 18.57 10.69
C SER A 69 13.47 17.77 9.54
N LEU A 70 14.81 17.75 9.50
CA LEU A 70 15.51 16.92 8.53
C LEU A 70 15.07 15.47 8.66
N HIS A 71 14.87 15.01 9.89
CA HIS A 71 14.42 13.64 10.14
C HIS A 71 13.12 13.35 9.41
N ASP A 72 12.14 14.26 9.53
CA ASP A 72 10.86 14.04 8.88
C ASP A 72 10.96 14.22 7.38
N GLN A 73 11.78 15.17 6.92
CA GLN A 73 12.02 15.33 5.48
C GLN A 73 12.66 14.07 4.91
N VAL A 74 13.69 13.55 5.59
CA VAL A 74 14.36 12.35 5.10
C VAL A 74 13.44 11.15 5.16
N LEU A 75 12.66 11.01 6.24
CA LEU A 75 11.76 9.87 6.37
C LEU A 75 10.66 9.91 5.32
N LEU A 76 10.09 11.09 5.06
CA LEU A 76 9.05 11.21 4.05
C LEU A 76 9.58 10.84 2.68
N LEU A 77 10.75 11.37 2.32
CA LEU A 77 11.34 11.05 1.02
C LEU A 77 11.75 9.58 0.95
N GLU A 78 12.28 9.03 2.05
CA GLU A 78 12.77 7.66 2.02
C GLU A 78 11.63 6.66 1.94
N SER A 79 10.45 7.02 2.46
CA SER A 79 9.33 6.11 2.44
C SER A 79 8.62 6.08 1.08
N SER A 80 8.69 7.15 0.30
CA SER A 80 7.85 7.29 -0.88
C SER A 80 8.60 7.45 -2.18
N TRP A 81 9.93 7.37 -2.18
CA TRP A 81 10.71 7.77 -3.35
C TRP A 81 10.33 6.96 -4.59
N LEU A 82 10.11 5.66 -4.44
CA LEU A 82 9.79 4.86 -5.62
C LEU A 82 8.33 5.00 -6.01
N GLU A 83 7.43 5.16 -5.03
CA GLU A 83 6.03 5.43 -5.34
C GLU A 83 5.90 6.71 -6.16
N VAL A 84 6.69 7.74 -5.82
CA VAL A 84 6.66 8.98 -6.59
C VAL A 84 7.26 8.76 -7.97
N LEU A 85 8.36 8.00 -8.05
CA LEU A 85 8.94 7.64 -9.34
C LEU A 85 7.95 6.87 -10.20
N MET A 86 7.25 5.90 -9.60
CA MET A 86 6.36 5.04 -10.38
C MET A 86 5.15 5.80 -10.89
N ILE A 87 4.52 6.62 -10.04
CA ILE A 87 3.32 7.34 -10.46
C ILE A 87 3.64 8.30 -11.59
N GLY A 88 4.81 8.93 -11.55
CA GLY A 88 5.19 9.82 -12.65
C GLY A 88 5.46 9.06 -13.94
N LEU A 89 6.13 7.91 -13.83
CA LEU A 89 6.40 7.09 -15.00
C LEU A 89 5.12 6.59 -15.64
N ILE A 90 4.19 6.08 -14.82
CA ILE A 90 2.89 5.64 -15.32
C ILE A 90 2.15 6.80 -15.95
N TRP A 91 2.20 7.97 -15.32
CA TRP A 91 1.46 9.14 -15.82
C TRP A 91 2.00 9.61 -17.16
N ARG A 92 3.33 9.52 -17.36
CA ARG A 92 3.90 9.90 -18.65
C ARG A 92 3.52 8.91 -19.75
N SER A 93 3.27 7.65 -19.39
CA SER A 93 2.96 6.61 -20.34
C SER A 93 1.46 6.41 -20.54
N ILE A 94 0.63 7.37 -20.09
CA ILE A 94 -0.81 7.18 -20.11
C ILE A 94 -1.37 7.07 -21.53
N HIS A 95 -0.64 7.55 -22.54
CA HIS A 95 -1.17 7.61 -23.89
C HIS A 95 -0.34 6.81 -24.89
N CYS A 96 0.52 5.91 -24.42
CA CYS A 96 1.31 5.04 -25.29
C CYS A 96 1.23 3.62 -24.77
N PRO A 97 0.13 2.92 -25.07
CA PRO A 97 0.02 1.51 -24.67
C PRO A 97 1.17 0.69 -25.20
N GLY A 98 1.71 -0.18 -24.35
CA GLY A 98 2.84 -0.99 -24.71
C GLY A 98 4.19 -0.33 -24.57
N LYS A 99 4.24 0.94 -24.17
CA LYS A 99 5.48 1.69 -24.04
C LYS A 99 5.52 2.41 -22.70
N LEU A 100 6.73 2.60 -22.17
CA LEU A 100 6.96 3.33 -20.93
C LEU A 100 7.88 4.50 -21.23
N ILE A 101 7.39 5.71 -21.00
CA ILE A 101 8.17 6.92 -21.21
C ILE A 101 9.03 7.19 -19.98
N PHE A 102 10.27 6.69 -19.99
CA PHE A 102 11.18 6.94 -18.88
C PHE A 102 11.68 8.37 -18.89
N ALA A 103 11.88 8.94 -20.09
CA ALA A 103 12.27 10.32 -20.25
C ALA A 103 11.73 10.81 -21.59
N GLN A 104 11.97 12.10 -21.88
CA GLN A 104 11.54 12.67 -23.15
C GLN A 104 12.14 11.90 -24.32
N ASP A 105 13.44 11.62 -24.26
CA ASP A 105 14.16 10.90 -25.31
C ASP A 105 14.42 9.45 -24.96
N LEU A 106 13.61 8.86 -24.06
CA LEU A 106 13.81 7.50 -23.59
C LEU A 106 12.44 6.84 -23.43
N ILE A 107 11.93 6.31 -24.54
CA ILE A 107 10.62 5.65 -24.58
C ILE A 107 10.87 4.18 -24.87
N LEU A 108 10.71 3.34 -23.86
CA LEU A 108 11.05 1.92 -23.98
C LEU A 108 9.83 1.12 -24.37
N ASP A 109 9.98 0.26 -25.37
CA ASP A 109 8.96 -0.73 -25.68
C ASP A 109 8.98 -1.82 -24.62
N ARG A 110 7.84 -2.49 -24.45
CA ARG A 110 7.69 -3.47 -23.37
C ARG A 110 8.76 -4.55 -23.46
N ASN A 111 9.00 -5.07 -24.67
CA ASN A 111 9.93 -6.18 -24.83
C ASN A 111 11.38 -5.76 -24.71
N GLU A 112 11.68 -4.46 -24.60
CA GLU A 112 13.03 -4.04 -24.30
C GLU A 112 13.45 -4.41 -22.88
N GLY A 113 12.50 -4.83 -22.04
CA GLY A 113 12.82 -5.36 -20.73
C GLY A 113 13.30 -6.79 -20.70
N ASP A 114 13.12 -7.53 -21.81
CA ASP A 114 13.64 -8.89 -21.91
C ASP A 114 15.15 -8.94 -21.75
N CYS A 115 15.84 -7.81 -21.95
CA CYS A 115 17.28 -7.75 -21.83
C CYS A 115 17.77 -7.95 -20.40
N VAL A 116 16.90 -7.79 -19.40
CA VAL A 116 17.23 -8.06 -18.00
C VAL A 116 16.16 -8.97 -17.43
N GLU A 117 16.56 -10.15 -16.97
CA GLU A 117 15.60 -11.11 -16.44
C GLU A 117 14.86 -10.53 -15.24
N GLY A 118 13.54 -10.68 -15.24
CA GLY A 118 12.70 -10.15 -14.20
C GLY A 118 12.15 -8.76 -14.49
N MET A 119 12.78 -8.02 -15.40
CA MET A 119 12.37 -6.64 -15.65
C MET A 119 11.06 -6.57 -16.44
N THR A 120 10.81 -7.54 -17.31
CA THR A 120 9.59 -7.49 -18.13
C THR A 120 8.35 -7.64 -17.27
N GLU A 121 8.42 -8.45 -16.21
CA GLU A 121 7.28 -8.56 -15.30
C GLU A 121 6.96 -7.21 -14.66
N ILE A 122 7.98 -6.45 -14.29
CA ILE A 122 7.76 -5.12 -13.73
C ILE A 122 7.12 -4.20 -14.76
N PHE A 123 7.62 -4.25 -16.00
CA PHE A 123 7.05 -3.43 -17.06
C PHE A 123 5.56 -3.74 -17.24
N ASP A 124 5.21 -5.02 -17.32
CA ASP A 124 3.80 -5.39 -17.45
C ASP A 124 2.99 -4.89 -16.27
N MET A 125 3.52 -5.03 -15.06
CA MET A 125 2.86 -4.47 -13.88
C MET A 125 2.68 -2.97 -14.01
N LEU A 126 3.70 -2.28 -14.53
CA LEU A 126 3.56 -0.85 -14.78
C LEU A 126 2.62 -0.56 -15.95
N LEU A 127 2.74 -1.36 -17.03
CA LEU A 127 1.91 -1.13 -18.20
C LEU A 127 0.43 -1.32 -17.89
N ALA A 128 0.10 -2.23 -16.96
CA ALA A 128 -1.30 -2.47 -16.63
C ALA A 128 -1.91 -1.27 -15.91
N THR A 129 -1.20 -0.72 -14.93
CA THR A 129 -1.73 0.41 -14.18
C THR A 129 -1.86 1.66 -15.06
N ALA A 130 -1.00 1.81 -16.07
CA ALA A 130 -1.14 2.92 -17.00
C ALA A 130 -2.38 2.78 -17.86
N SER A 131 -2.77 1.55 -18.19
CA SER A 131 -4.02 1.36 -18.91
C SER A 131 -5.21 1.75 -18.06
N ARG A 132 -5.14 1.51 -16.75
CA ARG A 132 -6.23 1.93 -15.87
C ARG A 132 -6.28 3.44 -15.74
N PHE A 133 -5.12 4.09 -15.70
CA PHE A 133 -5.07 5.55 -15.81
C PHE A 133 -5.89 6.01 -17.00
N ARG A 134 -5.64 5.44 -18.18
CA ARG A 134 -6.38 5.81 -19.38
C ARG A 134 -7.85 5.45 -19.24
N LEU A 135 -8.15 4.31 -18.62
CA LEU A 135 -9.54 3.91 -18.44
C LEU A 135 -10.28 4.89 -17.55
N LEU A 136 -9.67 5.29 -16.43
CA LEU A 136 -10.30 6.24 -15.53
C LEU A 136 -10.27 7.66 -16.05
N LYS A 137 -9.55 7.92 -17.15
CA LYS A 137 -9.39 9.26 -17.70
C LYS A 137 -8.81 10.20 -16.64
N LEU A 138 -7.73 9.76 -16.01
CA LEU A 138 -7.11 10.53 -14.94
C LEU A 138 -6.71 11.91 -15.42
N LYS A 139 -7.19 12.94 -14.74
CA LYS A 139 -6.95 14.31 -15.13
C LYS A 139 -5.60 14.80 -14.59
N PRO A 140 -5.04 15.83 -15.23
CA PRO A 140 -3.76 16.38 -14.73
C PRO A 140 -3.83 16.82 -13.28
N GLU A 141 -4.92 17.48 -12.88
CA GLU A 141 -5.05 17.95 -11.51
C GLU A 141 -5.06 16.78 -10.53
N GLU A 142 -5.70 15.67 -10.90
CA GLU A 142 -5.75 14.52 -10.01
C GLU A 142 -4.38 13.87 -9.86
N PHE A 143 -3.62 13.79 -10.96
CA PHE A 143 -2.26 13.25 -10.88
C PHE A 143 -1.40 14.08 -9.93
N LEU A 144 -1.53 15.41 -10.00
CA LEU A 144 -0.74 16.27 -9.12
C LEU A 144 -1.11 16.05 -7.66
N CYS A 145 -2.40 15.91 -7.37
CA CYS A 145 -2.83 15.69 -5.99
C CYS A 145 -2.35 14.34 -5.48
N LEU A 146 -2.61 13.27 -6.25
CA LEU A 146 -2.21 11.93 -5.82
C LEU A 146 -0.71 11.84 -5.58
N LYS A 147 0.09 12.48 -6.44
CA LYS A 147 1.53 12.45 -6.27
C LYS A 147 1.96 13.10 -4.95
N ALA A 148 1.36 14.25 -4.63
CA ALA A 148 1.68 14.91 -3.36
C ALA A 148 1.18 14.10 -2.17
N ILE A 149 -0.01 13.49 -2.29
CA ILE A 149 -0.52 12.64 -1.23
C ILE A 149 0.43 11.48 -0.97
N ILE A 150 1.04 10.94 -2.03
CA ILE A 150 2.02 9.87 -1.89
C ILE A 150 3.18 10.33 -1.01
N LEU A 151 3.64 11.56 -1.21
CA LEU A 151 4.75 12.08 -0.41
C LEU A 151 4.32 12.36 1.02
N LEU A 152 3.19 13.06 1.19
CA LEU A 152 2.78 13.57 2.49
C LEU A 152 2.05 12.48 3.27
N ASN A 153 2.81 11.46 3.66
CA ASN A 153 2.30 10.31 4.39
C ASN A 153 2.53 10.56 5.88
N SER A 154 1.47 10.98 6.57
CA SER A 154 1.57 11.25 8.01
C SER A 154 1.79 10.00 8.84
N GLY A 155 1.75 8.81 8.23
CA GLY A 155 1.97 7.58 8.96
C GLY A 155 3.27 6.89 8.60
N ALA A 156 4.19 7.62 7.97
CA ALA A 156 5.47 7.05 7.58
C ALA A 156 6.31 6.73 8.80
N PHE A 157 7.13 5.68 8.67
CA PHE A 157 8.00 5.25 9.77
C PHE A 157 9.12 4.38 9.20
N SER A 158 10.07 4.03 10.07
CA SER A 158 11.21 3.21 9.69
C SER A 158 11.56 2.24 10.81
N PHE A 159 12.17 1.11 10.42
CA PHE A 159 12.70 0.13 11.35
C PHE A 159 14.23 0.13 11.37
N CYS A 160 14.85 1.23 10.96
CA CYS A 160 16.28 1.23 10.67
C CYS A 160 17.11 0.99 11.93
N THR A 161 16.67 1.52 13.06
CA THR A 161 17.47 1.53 14.28
C THR A 161 17.04 0.47 15.29
N GLY A 162 16.41 -0.61 14.84
CA GLY A 162 15.91 -1.60 15.77
C GLY A 162 14.72 -1.17 16.59
N THR A 163 14.09 -0.06 16.23
CA THR A 163 12.91 0.43 16.93
C THR A 163 11.99 1.11 15.92
N MET A 164 10.70 1.12 16.23
CA MET A 164 9.71 1.77 15.37
C MET A 164 9.86 3.28 15.51
N GLU A 165 10.26 3.93 14.42
CA GLU A 165 10.51 5.37 14.45
C GLU A 165 9.56 6.10 13.52
N PRO A 166 8.55 6.80 14.06
CA PRO A 166 7.63 7.56 13.20
C PRO A 166 8.13 8.97 12.93
N LEU A 167 7.26 9.80 12.35
CA LEU A 167 7.58 11.21 12.13
C LEU A 167 7.74 11.95 13.45
N HIS A 168 8.60 12.96 13.45
CA HIS A 168 8.70 13.85 14.61
C HIS A 168 7.42 14.67 14.80
N ASP A 169 6.73 14.99 13.70
CA ASP A 169 5.54 15.85 13.72
C ASP A 169 4.51 15.26 12.76
N SER A 170 3.78 14.25 13.24
CA SER A 170 2.74 13.62 12.43
C SER A 170 1.61 14.60 12.12
N THR A 171 1.33 15.53 13.03
CA THR A 171 0.24 16.48 12.82
C THR A 171 0.54 17.43 11.68
N ALA A 172 1.78 17.91 11.59
CA ALA A 172 2.13 18.87 10.55
C ALA A 172 2.00 18.26 9.16
N VAL A 173 2.53 17.04 8.99
CA VAL A 173 2.39 16.36 7.70
C VAL A 173 0.91 16.08 7.41
N GLN A 174 0.13 15.78 8.45
CA GLN A 174 -1.30 15.55 8.25
C GLN A 174 -2.00 16.84 7.82
N ASN A 175 -1.58 17.98 8.37
CA ASN A 175 -2.13 19.26 7.92
C ASN A 175 -1.79 19.52 6.46
N MET A 176 -0.59 19.12 6.04
CA MET A 176 -0.24 19.23 4.62
C MET A 176 -1.04 18.22 3.79
N LEU A 177 -1.21 17.01 4.32
CA LEU A 177 -1.96 15.98 3.59
C LEU A 177 -3.42 16.40 3.42
N ASP A 178 -4.06 16.88 4.49
CA ASP A 178 -5.45 17.31 4.41
C ASP A 178 -5.62 18.46 3.43
N THR A 179 -4.60 19.30 3.29
CA THR A 179 -4.68 20.38 2.30
C THR A 179 -4.79 19.83 0.89
N ILE A 180 -4.03 18.77 0.59
CA ILE A 180 -4.04 18.20 -0.76
C ILE A 180 -5.32 17.42 -1.01
N THR A 181 -5.74 16.59 -0.03
CA THR A 181 -6.97 15.82 -0.20
C THR A 181 -8.18 16.73 -0.38
N ASP A 182 -8.19 17.86 0.32
CA ASP A 182 -9.27 18.84 0.12
C ASP A 182 -9.25 19.38 -1.31
N ALA A 183 -8.06 19.67 -1.84
CA ALA A 183 -7.96 20.16 -3.21
C ALA A 183 -8.40 19.11 -4.22
N LEU A 184 -8.02 17.85 -3.98
CA LEU A 184 -8.48 16.77 -4.84
C LEU A 184 -10.00 16.66 -4.83
N ILE A 185 -10.58 16.69 -3.62
CA ILE A 185 -12.04 16.66 -3.49
C ILE A 185 -12.67 17.83 -4.23
N HIS A 186 -12.08 19.03 -4.07
CA HIS A 186 -12.65 20.21 -4.72
C HIS A 186 -12.58 20.11 -6.23
N HIS A 187 -11.49 19.55 -6.76
CA HIS A 187 -11.38 19.40 -8.21
C HIS A 187 -12.39 18.41 -8.76
N ILE A 188 -12.62 17.31 -8.04
CA ILE A 188 -13.61 16.34 -8.48
C ILE A 188 -15.00 16.96 -8.48
N SER A 189 -15.29 17.80 -7.48
CA SER A 189 -16.58 18.47 -7.42
C SER A 189 -16.79 19.43 -8.57
N GLN A 190 -15.73 19.91 -9.21
CA GLN A 190 -15.82 20.84 -10.31
C GLN A 190 -15.77 20.16 -11.68
N SER A 191 -15.68 18.82 -11.72
CA SER A 191 -15.52 18.09 -12.96
C SER A 191 -16.83 17.57 -13.53
N GLY A 192 -17.95 18.16 -13.14
CA GLY A 192 -19.22 17.82 -13.76
C GLY A 192 -19.81 16.49 -13.35
N TYR A 193 -19.25 15.83 -12.34
CA TYR A 193 -19.82 14.58 -11.85
C TYR A 193 -21.03 14.85 -10.97
N SER A 194 -21.96 13.89 -10.97
CA SER A 194 -23.01 13.90 -9.97
C SER A 194 -22.44 13.58 -8.59
N ALA A 195 -23.21 13.88 -7.56
CA ALA A 195 -22.75 13.62 -6.20
C ALA A 195 -22.37 12.16 -6.00
N GLN A 196 -23.15 11.25 -6.58
CA GLN A 196 -22.81 9.83 -6.50
C GLN A 196 -21.51 9.51 -7.23
N GLN A 197 -21.34 10.08 -8.44
CA GLN A 197 -20.11 9.85 -9.18
C GLN A 197 -18.91 10.50 -8.50
N GLN A 198 -19.13 11.61 -7.79
CA GLN A 198 -18.02 12.26 -7.09
C GLN A 198 -17.47 11.36 -5.98
N ALA A 199 -18.37 10.80 -5.16
CA ALA A 199 -17.92 9.93 -4.07
C ALA A 199 -17.27 8.67 -4.61
N ARG A 200 -17.79 8.13 -5.72
CA ARG A 200 -17.18 6.95 -6.31
C ARG A 200 -15.81 7.28 -6.89
N ARG A 201 -15.73 8.33 -7.71
CA ARG A 201 -14.45 8.77 -8.26
C ARG A 201 -13.41 8.97 -7.18
N GLN A 202 -13.82 9.54 -6.04
N GLN A 202 -13.81 9.56 -6.04
CA GLN A 202 -12.89 9.73 -4.93
CA GLN A 202 -12.89 9.72 -4.93
C GLN A 202 -12.33 8.41 -4.43
C GLN A 202 -12.32 8.39 -4.47
N ALA A 203 -13.18 7.38 -4.37
CA ALA A 203 -12.73 6.07 -3.89
C ALA A 203 -11.83 5.38 -4.92
N GLN A 204 -12.13 5.53 -6.21
CA GLN A 204 -11.30 4.89 -7.24
C GLN A 204 -9.88 5.45 -7.23
N LEU A 205 -9.74 6.75 -6.99
CA LEU A 205 -8.43 7.37 -7.06
C LEU A 205 -7.57 6.99 -5.86
N LEU A 206 -8.14 7.01 -4.65
CA LEU A 206 -7.35 6.68 -3.46
C LEU A 206 -7.02 5.20 -3.41
N LEU A 207 -7.87 4.34 -3.97
CA LEU A 207 -7.49 2.93 -4.13
C LEU A 207 -6.41 2.78 -5.19
N LEU A 208 -6.46 3.59 -6.25
CA LEU A 208 -5.39 3.61 -7.23
C LEU A 208 -4.06 3.96 -6.58
N LEU A 209 -4.07 4.92 -5.65
CA LEU A 209 -2.86 5.26 -4.90
C LEU A 209 -2.37 4.07 -4.08
N SER A 210 -3.31 3.31 -3.52
CA SER A 210 -2.92 2.12 -2.75
C SER A 210 -2.25 1.08 -3.63
N HIS A 211 -2.76 0.89 -4.84
CA HIS A 211 -2.13 -0.05 -5.77
C HIS A 211 -0.73 0.40 -6.14
N ILE A 212 -0.52 1.71 -6.25
CA ILE A 212 0.80 2.23 -6.60
C ILE A 212 1.80 1.95 -5.48
N ARG A 213 1.35 2.05 -4.22
CA ARG A 213 2.21 1.66 -3.09
C ARG A 213 2.48 0.16 -3.11
N HIS A 214 1.45 -0.65 -3.34
CA HIS A 214 1.65 -2.09 -3.51
C HIS A 214 2.60 -2.38 -4.66
N MET A 215 2.48 -1.61 -5.74
CA MET A 215 3.35 -1.73 -6.91
C MET A 215 4.80 -1.42 -6.54
N SER A 216 5.02 -0.36 -5.76
CA SER A 216 6.36 -0.06 -5.25
C SER A 216 6.90 -1.20 -4.42
N ASN A 217 6.06 -1.77 -3.55
CA ASN A 217 6.50 -2.88 -2.70
C ASN A 217 6.89 -4.09 -3.53
N LYS A 218 5.97 -4.54 -4.40
CA LYS A 218 6.24 -5.73 -5.21
C LYS A 218 7.43 -5.51 -6.14
N GLY A 219 7.58 -4.29 -6.66
CA GLY A 219 8.68 -4.02 -7.58
C GLY A 219 10.04 -4.22 -6.94
N MET A 220 10.24 -3.67 -5.74
CA MET A 220 11.54 -3.77 -5.09
C MET A 220 11.79 -5.19 -4.58
N GLU A 221 10.76 -5.84 -4.04
CA GLU A 221 10.92 -7.23 -3.61
C GLU A 221 11.31 -8.12 -4.79
N HIS A 222 10.80 -7.83 -5.98
CA HIS A 222 11.20 -8.57 -7.16
C HIS A 222 12.63 -8.24 -7.57
N LEU A 223 13.04 -6.98 -7.40
CA LEU A 223 14.42 -6.61 -7.71
C LEU A 223 15.40 -7.33 -6.79
N TYR A 224 15.08 -7.38 -5.49
CA TYR A 224 15.90 -8.14 -4.56
C TYR A 224 15.95 -9.61 -4.94
N SER A 225 14.82 -10.16 -5.39
CA SER A 225 14.80 -11.56 -5.84
C SER A 225 15.68 -11.76 -7.06
N MET A 226 15.71 -10.77 -7.96
CA MET A 226 16.59 -10.85 -9.12
C MET A 226 18.05 -10.74 -8.73
N LYS A 227 18.35 -10.08 -7.60
CA LYS A 227 19.71 -10.09 -7.08
C LYS A 227 20.08 -11.46 -6.53
N CYS A 228 19.18 -12.09 -5.79
CA CYS A 228 19.48 -13.39 -5.20
C CYS A 228 19.54 -14.48 -6.26
N LYS A 229 18.66 -14.40 -7.27
CA LYS A 229 18.56 -15.48 -8.25
C LYS A 229 19.65 -15.38 -9.31
N ASN A 230 19.80 -14.19 -9.92
CA ASN A 230 20.68 -14.04 -11.07
C ASN A 230 21.68 -12.90 -10.91
N LYS A 231 21.85 -12.37 -9.70
CA LYS A 231 22.85 -11.36 -9.35
C LYS A 231 22.64 -10.03 -10.05
N VAL A 232 21.49 -9.81 -10.67
CA VAL A 232 21.14 -8.54 -11.31
C VAL A 232 21.39 -7.39 -10.34
N PRO A 233 22.37 -6.53 -10.61
CA PRO A 233 22.80 -5.57 -9.57
C PRO A 233 21.83 -4.41 -9.32
N LEU A 234 20.69 -4.33 -10.01
CA LEU A 234 19.84 -3.14 -9.92
C LEU A 234 19.43 -2.83 -8.50
N TYR A 235 19.16 -3.86 -7.69
CA TYR A 235 18.78 -3.64 -6.31
C TYR A 235 19.88 -2.89 -5.55
N ASP A 236 21.13 -3.32 -5.72
CA ASP A 236 22.23 -2.66 -5.02
C ASP A 236 22.52 -1.29 -5.61
N LEU A 237 22.44 -1.15 -6.94
CA LEU A 237 22.64 0.14 -7.59
C LEU A 237 21.65 1.17 -7.06
N LEU A 238 20.36 0.82 -7.03
CA LEU A 238 19.36 1.74 -6.49
C LEU A 238 19.68 2.08 -5.04
N LEU A 239 19.97 1.07 -4.22
CA LEU A 239 20.24 1.32 -2.81
C LEU A 239 21.46 2.23 -2.62
N GLU A 240 22.51 2.00 -3.40
CA GLU A 240 23.66 2.91 -3.36
C GLU A 240 23.30 4.30 -3.85
N MET A 241 22.38 4.39 -4.81
CA MET A 241 21.83 5.68 -5.22
C MET A 241 21.17 6.39 -4.04
N LEU A 242 20.49 5.63 -3.17
CA LEU A 242 19.79 6.22 -2.05
C LEU A 242 20.76 6.72 -0.98
N ASP A 243 21.92 6.08 -0.84
CA ASP A 243 22.90 6.54 0.14
C ASP A 243 23.47 7.91 -0.24
N ALA A 244 23.83 8.07 -1.52
CA ALA A 244 24.41 9.33 -1.98
C ALA A 244 23.48 10.52 -1.75
N HIS A 245 22.19 10.26 -1.53
CA HIS A 245 21.23 11.31 -1.23
C HIS A 245 20.73 11.24 0.21
N HIS A 246 21.39 10.44 1.05
CA HIS A 246 21.24 10.47 2.51
C HIS A 246 19.85 9.99 2.96
N LEU A 247 19.42 8.88 2.40
CA LEU A 247 18.07 8.40 2.69
C LEU A 247 17.85 6.95 2.23
N HIS B 7 -25.63 -3.41 -8.20
CA HIS B 7 -25.01 -3.87 -6.96
C HIS B 7 -26.04 -4.20 -5.90
N MET B 8 -25.69 -5.16 -5.04
CA MET B 8 -26.54 -5.48 -3.91
C MET B 8 -26.69 -4.26 -3.00
N PRO B 9 -27.89 -3.98 -2.51
CA PRO B 9 -28.11 -2.75 -1.76
C PRO B 9 -27.18 -2.66 -0.57
N PRO B 10 -26.77 -1.45 -0.18
CA PRO B 10 -25.73 -1.32 0.85
C PRO B 10 -26.15 -1.80 2.22
N GLU B 11 -27.39 -1.52 2.64
CA GLU B 11 -27.85 -1.94 3.96
C GLU B 11 -27.84 -3.46 4.10
N GLN B 12 -28.01 -4.17 2.99
CA GLN B 12 -27.93 -5.63 3.01
C GLN B 12 -26.48 -6.11 2.96
N VAL B 13 -25.61 -5.37 2.27
CA VAL B 13 -24.19 -5.71 2.26
C VAL B 13 -23.64 -5.75 3.68
N LEU B 14 -23.99 -4.75 4.50
CA LEU B 14 -23.49 -4.70 5.86
C LEU B 14 -24.03 -5.86 6.69
N ILE B 15 -25.27 -6.28 6.43
CA ILE B 15 -25.82 -7.42 7.14
C ILE B 15 -25.09 -8.70 6.72
N LEU B 16 -24.82 -8.84 5.42
CA LEU B 16 -24.07 -10.00 4.94
C LEU B 16 -22.66 -10.03 5.54
N LEU B 17 -21.99 -8.89 5.56
CA LEU B 17 -20.62 -8.84 6.06
C LEU B 17 -20.57 -9.19 7.54
N GLN B 18 -21.46 -8.61 8.34
CA GLN B 18 -21.50 -8.94 9.76
C GLN B 18 -21.86 -10.41 9.97
N GLY B 19 -22.76 -10.94 9.16
CA GLY B 19 -23.13 -12.34 9.26
C GLY B 19 -22.07 -13.31 8.77
N ALA B 20 -21.03 -12.82 8.12
CA ALA B 20 -19.95 -13.65 7.61
C ALA B 20 -18.69 -13.58 8.45
N GLU B 21 -18.72 -12.83 9.55
CA GLU B 21 -17.52 -12.68 10.37
C GLU B 21 -17.10 -14.03 10.94
N PRO B 22 -15.79 -14.30 11.03
CA PRO B 22 -15.35 -15.59 11.53
C PRO B 22 -15.71 -15.75 13.00
N PRO B 23 -15.91 -16.99 13.47
CA PRO B 23 -16.16 -17.21 14.90
C PRO B 23 -14.96 -16.80 15.74
N ILE B 24 -15.23 -16.54 17.03
CA ILE B 24 -14.18 -16.10 17.93
C ILE B 24 -13.11 -17.18 18.06
N LEU B 25 -11.86 -16.76 18.06
CA LEU B 25 -10.73 -17.68 18.06
C LEU B 25 -10.30 -18.00 19.49
N CYS B 26 -9.44 -19.02 19.61
CA CYS B 26 -8.89 -19.44 20.89
C CYS B 26 -7.60 -20.21 20.61
N SER B 27 -6.56 -19.90 21.37
CA SER B 27 -5.25 -20.54 21.18
C SER B 27 -5.33 -22.05 21.31
N LEU B 31 0.19 -23.06 26.48
CA LEU B 31 0.59 -21.65 26.39
C LEU B 31 0.97 -21.11 27.76
N SER B 32 2.22 -21.29 28.14
CA SER B 32 2.72 -20.91 29.47
C SER B 32 3.54 -19.65 29.38
N ARG B 33 3.27 -18.69 30.27
CA ARG B 33 3.97 -17.43 30.44
C ARG B 33 5.06 -17.56 31.50
N PRO B 34 6.14 -16.77 31.42
CA PRO B 34 6.49 -15.85 30.33
C PRO B 34 6.81 -16.59 29.04
N TYR B 35 6.64 -15.95 27.89
CA TYR B 35 6.94 -16.59 26.61
C TYR B 35 8.43 -16.49 26.31
N THR B 36 9.00 -17.60 25.84
CA THR B 36 10.36 -17.61 25.36
C THR B 36 10.36 -17.32 23.86
N GLU B 37 11.55 -17.29 23.27
CA GLU B 37 11.64 -17.07 21.83
C GLU B 37 10.92 -18.18 21.06
N VAL B 38 11.01 -19.42 21.53
CA VAL B 38 10.39 -20.53 20.82
C VAL B 38 8.90 -20.62 21.12
N THR B 39 8.47 -20.26 22.33
CA THR B 39 7.05 -20.30 22.64
C THR B 39 6.30 -19.20 21.92
N MET B 40 6.91 -18.03 21.78
CA MET B 40 6.29 -16.95 21.03
C MET B 40 6.17 -17.31 19.55
N MET B 41 7.19 -17.98 19.00
CA MET B 41 7.10 -18.46 17.63
C MET B 41 5.95 -19.45 17.48
N THR B 42 5.83 -20.39 18.41
CA THR B 42 4.68 -21.30 18.42
C THR B 42 3.38 -20.53 18.54
N LEU B 43 3.37 -19.47 19.34
CA LEU B 43 2.18 -18.64 19.49
C LEU B 43 1.77 -18.02 18.16
N LEU B 44 2.72 -17.33 17.50
CA LEU B 44 2.37 -16.53 16.34
C LEU B 44 2.08 -17.41 15.12
N THR B 45 2.87 -18.47 14.91
CA THR B 45 2.64 -19.31 13.74
C THR B 45 1.37 -20.15 13.88
N SER B 46 0.93 -20.42 15.11
CA SER B 46 -0.29 -21.21 15.29
C SER B 46 -1.54 -20.36 15.09
N MET B 47 -1.51 -19.11 15.51
CA MET B 47 -2.66 -18.23 15.31
C MET B 47 -2.77 -17.74 13.88
N ALA B 48 -1.63 -17.55 13.19
CA ALA B 48 -1.66 -17.24 11.77
C ALA B 48 -2.36 -18.34 11.00
N ASP B 49 -2.00 -19.60 11.26
CA ASP B 49 -2.65 -20.72 10.59
C ASP B 49 -4.12 -20.79 10.93
N LYS B 50 -4.47 -20.56 12.21
CA LYS B 50 -5.86 -20.63 12.63
C LYS B 50 -6.70 -19.55 11.95
N GLU B 51 -6.19 -18.32 11.90
CA GLU B 51 -6.95 -17.23 11.30
C GLU B 51 -6.95 -17.28 9.78
N LEU B 52 -5.97 -17.93 9.15
CA LEU B 52 -6.02 -18.12 7.71
C LEU B 52 -7.14 -19.08 7.33
N VAL B 53 -7.27 -20.18 8.05
CA VAL B 53 -8.35 -21.13 7.80
C VAL B 53 -9.70 -20.45 7.93
N HIS B 54 -9.84 -19.56 8.92
CA HIS B 54 -11.07 -18.80 9.05
C HIS B 54 -11.20 -17.75 7.95
N MET B 55 -10.07 -17.26 7.44
CA MET B 55 -10.11 -16.27 6.36
C MET B 55 -10.61 -16.89 5.07
N ILE B 56 -10.09 -18.07 4.72
CA ILE B 56 -10.53 -18.73 3.50
C ILE B 56 -12.02 -19.03 3.57
N ALA B 57 -12.50 -19.45 4.74
CA ALA B 57 -13.93 -19.71 4.89
C ALA B 57 -14.73 -18.42 4.84
N TRP B 58 -14.20 -17.34 5.43
CA TRP B 58 -14.89 -16.06 5.39
C TRP B 58 -15.02 -15.54 3.96
N ALA B 59 -13.94 -15.66 3.17
CA ALA B 59 -13.96 -15.16 1.81
C ALA B 59 -15.01 -15.88 0.97
N LYS B 60 -15.12 -17.20 1.13
CA LYS B 60 -16.08 -17.98 0.35
C LYS B 60 -17.52 -17.59 0.67
N LYS B 61 -17.75 -16.94 1.80
CA LYS B 61 -19.09 -16.45 2.14
C LYS B 61 -19.43 -15.13 1.46
N LEU B 62 -18.44 -14.43 0.90
CA LEU B 62 -18.72 -13.15 0.26
C LEU B 62 -19.39 -13.40 -1.10
N PRO B 63 -20.33 -12.54 -1.49
CA PRO B 63 -21.12 -12.82 -2.70
C PRO B 63 -20.27 -12.68 -3.95
N GLY B 64 -20.33 -13.71 -4.81
CA GLY B 64 -19.57 -13.74 -6.03
C GLY B 64 -18.17 -14.32 -5.90
N PHE B 65 -17.67 -14.51 -4.68
CA PHE B 65 -16.31 -15.02 -4.53
C PHE B 65 -16.19 -16.45 -5.05
N LEU B 66 -17.21 -17.27 -4.82
CA LEU B 66 -17.12 -18.68 -5.22
C LEU B 66 -17.36 -18.89 -6.71
N GLN B 67 -18.00 -17.95 -7.41
CA GLN B 67 -18.14 -18.08 -8.85
C GLN B 67 -16.87 -17.68 -9.60
N LEU B 68 -15.91 -17.04 -8.92
CA LEU B 68 -14.62 -16.81 -9.53
C LEU B 68 -13.91 -18.15 -9.75
N SER B 69 -12.93 -18.14 -10.66
CA SER B 69 -12.10 -19.31 -10.85
C SER B 69 -11.27 -19.56 -9.60
N LEU B 70 -10.88 -20.83 -9.41
CA LEU B 70 -9.95 -21.16 -8.33
C LEU B 70 -8.71 -20.28 -8.38
N HIS B 71 -8.20 -20.04 -9.59
CA HIS B 71 -7.02 -19.21 -9.76
C HIS B 71 -7.23 -17.81 -9.18
N ASP B 72 -8.36 -17.20 -9.50
CA ASP B 72 -8.63 -15.85 -9.00
C ASP B 72 -8.93 -15.87 -7.50
N GLN B 73 -9.64 -16.90 -7.03
CA GLN B 73 -9.85 -17.06 -5.60
C GLN B 73 -8.52 -17.16 -4.86
N VAL B 74 -7.61 -17.97 -5.39
CA VAL B 74 -6.32 -18.17 -4.73
C VAL B 74 -5.45 -16.92 -4.84
N LEU B 75 -5.51 -16.23 -5.97
CA LEU B 75 -4.73 -15.01 -6.15
C LEU B 75 -5.17 -13.93 -5.17
N LEU B 76 -6.48 -13.75 -5.01
CA LEU B 76 -6.99 -12.74 -4.10
C LEU B 76 -6.56 -13.04 -2.66
N LEU B 77 -6.70 -14.30 -2.25
CA LEU B 77 -6.34 -14.69 -0.89
C LEU B 77 -4.83 -14.56 -0.66
N GLU B 78 -4.04 -15.05 -1.62
CA GLU B 78 -2.58 -14.98 -1.46
C GLU B 78 -2.09 -13.54 -1.42
N SER B 79 -2.77 -12.63 -2.11
CA SER B 79 -2.33 -11.25 -2.15
C SER B 79 -2.61 -10.49 -0.86
N SER B 80 -3.69 -10.85 -0.16
CA SER B 80 -4.20 -10.03 0.94
C SER B 80 -4.25 -10.75 2.28
N TRP B 81 -3.68 -11.96 2.39
CA TRP B 81 -3.87 -12.75 3.61
C TRP B 81 -3.34 -12.03 4.84
N LEU B 82 -2.10 -11.56 4.78
CA LEU B 82 -1.53 -10.93 5.96
C LEU B 82 -2.11 -9.54 6.17
N GLU B 83 -2.53 -8.88 5.08
N GLU B 83 -2.54 -8.90 5.07
CA GLU B 83 -3.23 -7.61 5.23
CA GLU B 83 -3.23 -7.62 5.19
C GLU B 83 -4.56 -7.81 5.94
C GLU B 83 -4.57 -7.78 5.89
N VAL B 84 -5.26 -8.90 5.64
CA VAL B 84 -6.50 -9.19 6.35
C VAL B 84 -6.19 -9.61 7.79
N LEU B 85 -5.09 -10.37 7.98
CA LEU B 85 -4.68 -10.75 9.32
C LEU B 85 -4.40 -9.52 10.18
N MET B 86 -3.79 -8.50 9.59
CA MET B 86 -3.37 -7.33 10.37
C MET B 86 -4.55 -6.44 10.75
N ILE B 87 -5.48 -6.20 9.81
CA ILE B 87 -6.59 -5.29 10.11
C ILE B 87 -7.48 -5.89 11.20
N GLY B 88 -7.65 -7.21 11.20
CA GLY B 88 -8.44 -7.84 12.24
C GLY B 88 -7.75 -7.79 13.59
N LEU B 89 -6.44 -8.04 13.61
CA LEU B 89 -5.68 -7.92 14.84
C LEU B 89 -5.72 -6.50 15.39
N ILE B 90 -5.56 -5.51 14.52
CA ILE B 90 -5.63 -4.11 14.95
C ILE B 90 -7.02 -3.80 15.48
N TRP B 91 -8.05 -4.29 14.79
CA TRP B 91 -9.43 -3.98 15.18
C TRP B 91 -9.79 -4.60 16.53
N ARG B 92 -9.28 -5.81 16.80
CA ARG B 92 -9.55 -6.45 18.08
C ARG B 92 -8.86 -5.72 19.24
N SER B 93 -7.79 -4.96 18.96
CA SER B 93 -7.04 -4.26 19.97
C SER B 93 -7.36 -2.76 20.00
N ILE B 94 -8.52 -2.37 19.47
CA ILE B 94 -8.85 -0.95 19.38
C ILE B 94 -9.03 -0.33 20.76
N HIS B 95 -9.38 -1.13 21.77
CA HIS B 95 -9.76 -0.59 23.07
C HIS B 95 -8.81 -1.00 24.19
N CYS B 96 -7.63 -1.52 23.87
CA CYS B 96 -6.64 -1.90 24.88
C CYS B 96 -5.29 -1.30 24.49
N PRO B 97 -5.06 -0.04 24.86
CA PRO B 97 -3.78 0.59 24.53
C PRO B 97 -2.61 -0.16 25.15
N GLY B 98 -1.58 -0.42 24.34
CA GLY B 98 -0.43 -1.16 24.80
C GLY B 98 -0.58 -2.67 24.74
N LYS B 99 -1.75 -3.18 24.38
CA LYS B 99 -2.01 -4.61 24.32
C LYS B 99 -2.46 -4.99 22.92
N LEU B 100 -2.20 -6.25 22.56
CA LEU B 100 -2.62 -6.81 21.29
C LEU B 100 -3.39 -8.10 21.55
N ILE B 101 -4.64 -8.14 21.10
CA ILE B 101 -5.50 -9.31 21.31
C ILE B 101 -5.35 -10.19 20.07
N PHE B 102 -4.42 -11.14 20.14
CA PHE B 102 -4.26 -12.11 19.07
C PHE B 102 -5.37 -13.15 19.08
N ALA B 103 -5.87 -13.50 20.27
CA ALA B 103 -7.01 -14.39 20.42
C ALA B 103 -7.70 -14.04 21.72
N GLN B 104 -8.85 -14.69 21.96
CA GLN B 104 -9.62 -14.38 23.16
C GLN B 104 -8.90 -14.82 24.42
N ASP B 105 -8.03 -15.82 24.32
CA ASP B 105 -7.20 -16.25 25.45
C ASP B 105 -5.76 -15.79 25.29
N LEU B 106 -5.46 -14.96 24.30
CA LEU B 106 -4.11 -14.46 24.04
C LEU B 106 -4.18 -12.96 23.79
N ILE B 107 -4.10 -12.16 24.86
CA ILE B 107 -3.86 -10.74 24.75
C ILE B 107 -2.51 -10.46 25.39
N LEU B 108 -1.58 -9.94 24.58
CA LEU B 108 -0.19 -9.77 25.00
C LEU B 108 0.10 -8.29 25.23
N ASP B 109 0.73 -7.99 26.36
CA ASP B 109 1.29 -6.67 26.53
C ASP B 109 2.42 -6.45 25.53
N ARG B 110 2.74 -5.18 25.28
CA ARG B 110 3.73 -4.85 24.26
C ARG B 110 5.10 -5.47 24.58
N ASN B 111 5.52 -5.40 25.84
N ASN B 111 5.52 -5.40 25.84
CA ASN B 111 6.85 -5.87 26.21
CA ASN B 111 6.85 -5.88 26.23
C ASN B 111 7.01 -7.38 26.08
C ASN B 111 7.01 -7.38 26.09
N GLU B 112 5.92 -8.13 25.91
CA GLU B 112 6.02 -9.58 25.80
C GLU B 112 6.71 -10.02 24.51
N GLY B 113 6.79 -9.14 23.51
CA GLY B 113 7.53 -9.43 22.30
C GLY B 113 9.04 -9.26 22.41
N ASP B 114 9.54 -8.92 23.59
CA ASP B 114 10.97 -8.70 23.76
C ASP B 114 11.78 -9.98 23.68
N CYS B 115 11.15 -11.15 23.85
CA CYS B 115 11.88 -12.41 23.78
C CYS B 115 12.36 -12.72 22.37
N VAL B 116 11.81 -12.05 21.36
CA VAL B 116 12.23 -12.20 19.97
C VAL B 116 12.81 -10.87 19.52
N GLU B 117 14.09 -10.86 19.19
CA GLU B 117 14.72 -9.63 18.73
C GLU B 117 14.07 -9.16 17.43
N GLY B 118 13.60 -7.92 17.43
CA GLY B 118 12.92 -7.36 16.28
C GLY B 118 11.41 -7.39 16.35
N MET B 119 10.84 -8.14 17.30
CA MET B 119 9.39 -8.30 17.34
C MET B 119 8.70 -7.11 18.01
N THR B 120 9.38 -6.45 18.95
CA THR B 120 8.73 -5.36 19.66
C THR B 120 8.41 -4.19 18.73
N GLU B 121 9.24 -3.93 17.72
CA GLU B 121 8.95 -2.84 16.81
C GLU B 121 7.81 -3.18 15.87
N ILE B 122 7.61 -4.46 15.57
CA ILE B 122 6.41 -4.87 14.84
C ILE B 122 5.17 -4.60 15.67
N PHE B 123 5.21 -4.95 16.96
CA PHE B 123 4.09 -4.66 17.84
C PHE B 123 3.80 -3.16 17.90
N ASP B 124 4.85 -2.35 18.01
CA ASP B 124 4.66 -0.89 18.06
C ASP B 124 4.00 -0.38 16.78
N MET B 125 4.42 -0.90 15.63
CA MET B 125 3.75 -0.59 14.37
C MET B 125 2.26 -0.85 14.45
N LEU B 126 1.89 -2.05 14.87
CA LEU B 126 0.48 -2.41 14.98
C LEU B 126 -0.22 -1.56 16.04
N LEU B 127 0.43 -1.38 17.19
CA LEU B 127 -0.19 -0.61 18.27
C LEU B 127 -0.42 0.84 17.87
N ALA B 128 0.44 1.40 17.02
CA ALA B 128 0.27 2.79 16.59
C ALA B 128 -0.95 2.94 15.70
N THR B 129 -1.24 1.95 14.85
CA THR B 129 -2.42 1.99 14.00
C THR B 129 -3.69 1.68 14.77
N ALA B 130 -3.59 0.89 15.85
CA ALA B 130 -4.74 0.68 16.71
C ALA B 130 -5.16 1.97 17.40
N SER B 131 -4.17 2.79 17.80
CA SER B 131 -4.49 4.11 18.36
C SER B 131 -5.13 5.01 17.32
N ARG B 132 -4.68 4.91 16.07
N ARG B 132 -4.69 4.92 16.07
CA ARG B 132 -5.31 5.68 15.00
CA ARG B 132 -5.32 5.70 15.01
C ARG B 132 -6.74 5.22 14.77
C ARG B 132 -6.75 5.23 14.77
N PHE B 133 -6.99 3.92 14.89
CA PHE B 133 -8.37 3.41 14.83
C PHE B 133 -9.23 4.07 15.89
N ARG B 134 -8.72 4.11 17.12
CA ARG B 134 -9.48 4.68 18.23
C ARG B 134 -9.67 6.17 18.06
N LEU B 135 -8.65 6.88 17.57
CA LEU B 135 -8.78 8.31 17.35
C LEU B 135 -9.82 8.62 16.28
N LEU B 136 -9.84 7.83 15.21
CA LEU B 136 -10.85 8.00 14.17
C LEU B 136 -12.23 7.56 14.61
N LYS B 137 -12.35 6.89 15.76
CA LYS B 137 -13.61 6.27 16.19
C LYS B 137 -14.16 5.36 15.10
N LEU B 138 -13.31 4.46 14.62
CA LEU B 138 -13.68 3.56 13.54
C LEU B 138 -14.86 2.70 13.96
N LYS B 139 -15.94 2.77 13.18
CA LYS B 139 -17.16 2.05 13.49
C LYS B 139 -17.05 0.59 13.06
N PRO B 140 -17.84 -0.30 13.67
CA PRO B 140 -17.82 -1.71 13.23
C PRO B 140 -18.22 -1.89 11.78
N GLU B 141 -19.12 -1.05 11.28
CA GLU B 141 -19.49 -1.13 9.86
C GLU B 141 -18.31 -0.78 8.96
N GLU B 142 -17.54 0.24 9.34
CA GLU B 142 -16.40 0.64 8.51
C GLU B 142 -15.32 -0.44 8.52
N PHE B 143 -15.09 -1.08 9.66
CA PHE B 143 -14.11 -2.16 9.71
C PHE B 143 -14.48 -3.30 8.78
N LEU B 144 -15.78 -3.66 8.74
CA LEU B 144 -16.21 -4.77 7.88
C LEU B 144 -16.00 -4.43 6.41
N CYS B 145 -16.36 -3.21 6.01
CA CYS B 145 -16.17 -2.79 4.63
C CYS B 145 -14.69 -2.75 4.26
N LEU B 146 -13.88 -2.11 5.11
CA LEU B 146 -12.46 -1.97 4.82
C LEU B 146 -11.77 -3.33 4.69
N LYS B 147 -12.16 -4.28 5.54
CA LYS B 147 -11.55 -5.61 5.47
C LYS B 147 -11.93 -6.33 4.18
N ALA B 148 -13.19 -6.22 3.76
CA ALA B 148 -13.60 -6.82 2.51
C ALA B 148 -12.94 -6.14 1.31
N ILE B 149 -12.76 -4.83 1.37
CA ILE B 149 -12.05 -4.11 0.30
C ILE B 149 -10.62 -4.62 0.18
N ILE B 150 -9.99 -4.92 1.32
CA ILE B 150 -8.63 -5.45 1.30
C ILE B 150 -8.56 -6.75 0.52
N LEU B 151 -9.59 -7.59 0.64
CA LEU B 151 -9.58 -8.86 -0.08
C LEU B 151 -9.88 -8.67 -1.56
N LEU B 152 -10.88 -7.85 -1.88
CA LEU B 152 -11.38 -7.73 -3.26
C LEU B 152 -10.59 -6.66 -4.01
N ASN B 153 -9.34 -7.02 -4.35
CA ASN B 153 -8.41 -6.13 -5.02
C ASN B 153 -8.38 -6.49 -6.50
N SER B 154 -9.08 -5.68 -7.32
CA SER B 154 -9.14 -5.96 -8.75
C SER B 154 -7.78 -5.81 -9.43
N GLY B 155 -6.82 -5.19 -8.77
CA GLY B 155 -5.48 -5.06 -9.29
C GLY B 155 -4.51 -6.14 -8.84
N ALA B 156 -5.00 -7.21 -8.21
CA ALA B 156 -4.14 -8.26 -7.71
C ALA B 156 -3.39 -8.95 -8.85
N PHE B 157 -2.15 -9.36 -8.56
CA PHE B 157 -1.30 -10.01 -9.55
C PHE B 157 -0.19 -10.74 -8.81
N SER B 158 0.61 -11.48 -9.57
CA SER B 158 1.67 -12.30 -8.99
C SER B 158 2.83 -12.40 -9.95
N PHE B 159 4.04 -12.49 -9.39
CA PHE B 159 5.27 -12.73 -10.12
C PHE B 159 5.78 -14.16 -9.97
N CYS B 160 5.03 -15.02 -9.27
CA CYS B 160 5.54 -16.29 -8.77
C CYS B 160 5.94 -17.27 -9.88
N THR B 161 5.62 -16.98 -11.14
CA THR B 161 5.89 -17.91 -12.22
C THR B 161 6.78 -17.31 -13.31
N GLY B 162 7.50 -16.22 -13.00
CA GLY B 162 8.32 -15.56 -13.99
C GLY B 162 7.58 -14.66 -14.95
N THR B 163 6.25 -14.59 -14.85
CA THR B 163 5.43 -13.74 -15.70
C THR B 163 4.38 -13.06 -14.83
N MET B 164 4.14 -11.78 -15.09
CA MET B 164 3.10 -11.05 -14.37
C MET B 164 1.75 -11.67 -14.65
N GLU B 165 1.11 -12.23 -13.62
CA GLU B 165 -0.14 -12.96 -13.78
C GLU B 165 -1.26 -12.22 -13.08
N PRO B 166 -2.11 -11.49 -13.81
CA PRO B 166 -3.23 -10.80 -13.16
C PRO B 166 -4.39 -11.74 -12.88
N LEU B 167 -5.56 -11.18 -12.57
CA LEU B 167 -6.76 -11.98 -12.37
C LEU B 167 -7.34 -12.42 -13.71
N HIS B 168 -7.94 -13.61 -13.71
CA HIS B 168 -8.69 -14.07 -14.88
C HIS B 168 -9.84 -13.13 -15.21
N ASP B 169 -10.44 -12.51 -14.18
CA ASP B 169 -11.64 -11.70 -14.34
C ASP B 169 -11.52 -10.51 -13.37
N SER B 170 -10.77 -9.49 -13.77
CA SER B 170 -10.65 -8.28 -12.97
C SER B 170 -11.98 -7.55 -12.87
N THR B 171 -12.81 -7.63 -13.92
CA THR B 171 -14.09 -6.91 -13.92
C THR B 171 -15.04 -7.48 -12.89
N ALA B 172 -15.06 -8.81 -12.73
CA ALA B 172 -15.93 -9.41 -11.72
C ALA B 172 -15.49 -9.03 -10.31
N VAL B 173 -14.18 -9.05 -10.05
CA VAL B 173 -13.68 -8.60 -8.76
C VAL B 173 -13.99 -7.13 -8.54
N GLN B 174 -13.88 -6.32 -9.61
CA GLN B 174 -14.21 -4.90 -9.52
C GLN B 174 -15.69 -4.70 -9.20
N ASN B 175 -16.56 -5.58 -9.72
CA ASN B 175 -17.98 -5.47 -9.41
C ASN B 175 -18.23 -5.72 -7.93
N MET B 176 -17.52 -6.68 -7.33
CA MET B 176 -17.64 -6.89 -5.89
C MET B 176 -17.01 -5.75 -5.12
N LEU B 177 -15.91 -5.19 -5.64
CA LEU B 177 -15.25 -4.08 -4.97
C LEU B 177 -16.16 -2.86 -4.92
N ASP B 178 -16.80 -2.52 -6.04
CA ASP B 178 -17.70 -1.38 -6.07
C ASP B 178 -18.89 -1.59 -5.14
N THR B 179 -19.35 -2.84 -5.01
CA THR B 179 -20.44 -3.13 -4.10
C THR B 179 -20.07 -2.77 -2.66
N ILE B 180 -18.87 -3.16 -2.24
CA ILE B 180 -18.43 -2.87 -0.87
C ILE B 180 -18.19 -1.38 -0.68
N THR B 181 -17.49 -0.75 -1.63
CA THR B 181 -17.21 0.68 -1.53
C THR B 181 -18.49 1.51 -1.56
N ASP B 182 -19.48 1.08 -2.33
CA ASP B 182 -20.79 1.74 -2.28
C ASP B 182 -21.40 1.61 -0.90
N ALA B 183 -21.21 0.46 -0.25
CA ALA B 183 -21.78 0.26 1.07
C ALA B 183 -21.06 1.10 2.12
N LEU B 184 -19.74 1.27 1.96
CA LEU B 184 -19.00 2.14 2.88
C LEU B 184 -19.47 3.58 2.77
N ILE B 185 -19.63 4.07 1.54
CA ILE B 185 -20.10 5.44 1.33
C ILE B 185 -21.50 5.62 1.91
N HIS B 186 -22.35 4.61 1.75
CA HIS B 186 -23.71 4.69 2.30
C HIS B 186 -23.71 4.77 3.81
N HIS B 187 -22.88 3.95 4.46
CA HIS B 187 -22.83 3.96 5.93
C HIS B 187 -22.35 5.31 6.45
N ILE B 188 -21.35 5.89 5.79
CA ILE B 188 -20.86 7.20 6.21
C ILE B 188 -21.91 8.28 5.98
N SER B 189 -22.72 8.14 4.93
CA SER B 189 -23.82 9.08 4.71
C SER B 189 -24.91 8.96 5.75
N GLN B 190 -24.93 7.87 6.52
CA GLN B 190 -25.94 7.63 7.53
C GLN B 190 -25.44 7.85 8.95
N SER B 191 -24.19 8.29 9.12
CA SER B 191 -23.59 8.44 10.44
C SER B 191 -23.58 9.89 10.92
N GLY B 192 -24.50 10.71 10.43
CA GLY B 192 -24.65 12.06 10.94
C GLY B 192 -23.48 12.98 10.70
N TYR B 193 -22.83 12.85 9.55
CA TYR B 193 -21.76 13.75 9.16
C TYR B 193 -22.28 14.80 8.17
N SER B 194 -21.55 15.91 8.09
CA SER B 194 -21.83 16.89 7.05
C SER B 194 -21.33 16.39 5.71
N ALA B 195 -21.77 17.06 4.64
CA ALA B 195 -21.32 16.68 3.30
C ALA B 195 -19.81 16.76 3.18
N GLN B 196 -19.20 17.78 3.78
CA GLN B 196 -17.75 17.93 3.72
C GLN B 196 -17.05 16.86 4.54
N GLN B 197 -17.56 16.57 5.74
CA GLN B 197 -16.91 15.57 6.59
C GLN B 197 -17.12 14.16 6.06
N GLN B 198 -18.19 13.93 5.29
CA GLN B 198 -18.37 12.63 4.67
C GLN B 198 -17.26 12.33 3.67
N ALA B 199 -16.95 13.31 2.81
CA ALA B 199 -15.89 13.11 1.82
C ALA B 199 -14.53 13.00 2.48
N ARG B 200 -14.30 13.78 3.54
CA ARG B 200 -13.01 13.73 4.22
C ARG B 200 -12.82 12.40 4.96
N ARG B 201 -13.85 11.96 5.69
CA ARG B 201 -13.76 10.68 6.40
C ARG B 201 -13.51 9.54 5.41
N GLN B 202 -14.27 9.51 4.31
CA GLN B 202 -14.06 8.47 3.30
C GLN B 202 -12.62 8.50 2.80
N ALA B 203 -12.03 9.69 2.69
CA ALA B 203 -10.63 9.78 2.30
C ALA B 203 -9.72 9.25 3.40
N GLN B 204 -9.99 9.61 4.66
CA GLN B 204 -9.17 9.13 5.76
C GLN B 204 -9.20 7.60 5.85
N LEU B 205 -10.38 7.00 5.67
CA LEU B 205 -10.51 5.56 5.83
C LEU B 205 -9.80 4.80 4.71
N LEU B 206 -9.87 5.32 3.48
CA LEU B 206 -9.18 4.66 2.38
C LEU B 206 -7.67 4.86 2.46
N LEU B 207 -7.22 6.00 2.96
CA LEU B 207 -5.79 6.16 3.24
C LEU B 207 -5.36 5.29 4.42
N LEU B 208 -6.26 5.08 5.38
CA LEU B 208 -6.00 4.09 6.43
C LEU B 208 -5.80 2.70 5.85
N LEU B 209 -6.50 2.39 4.76
CA LEU B 209 -6.36 1.08 4.12
C LEU B 209 -4.97 0.90 3.53
N SER B 210 -4.49 1.90 2.78
CA SER B 210 -3.17 1.78 2.16
C SER B 210 -2.05 1.72 3.19
N HIS B 211 -2.27 2.27 4.39
CA HIS B 211 -1.27 2.15 5.44
C HIS B 211 -1.20 0.71 5.96
N ILE B 212 -2.37 0.07 6.11
CA ILE B 212 -2.39 -1.33 6.52
C ILE B 212 -1.64 -2.19 5.52
N ARG B 213 -1.83 -1.92 4.22
CA ARG B 213 -1.04 -2.58 3.19
C ARG B 213 0.45 -2.32 3.40
N HIS B 214 0.81 -1.06 3.68
CA HIS B 214 2.20 -0.70 3.92
C HIS B 214 2.77 -1.44 5.13
N MET B 215 1.99 -1.54 6.20
CA MET B 215 2.44 -2.26 7.39
C MET B 215 2.68 -3.73 7.08
N SER B 216 1.90 -4.31 6.18
CA SER B 216 2.09 -5.69 5.79
C SER B 216 3.43 -5.90 5.09
N ASN B 217 3.75 -5.02 4.14
CA ASN B 217 5.06 -5.10 3.47
C ASN B 217 6.19 -4.92 4.48
N LYS B 218 6.15 -3.83 5.25
CA LYS B 218 7.24 -3.52 6.17
C LYS B 218 7.38 -4.58 7.26
N GLY B 219 6.27 -5.19 7.69
CA GLY B 219 6.36 -6.24 8.68
C GLY B 219 7.00 -7.51 8.15
N MET B 220 6.49 -8.01 7.03
CA MET B 220 7.09 -9.20 6.41
C MET B 220 8.54 -8.96 6.01
N GLU B 221 8.86 -7.73 5.59
CA GLU B 221 10.24 -7.39 5.28
C GLU B 221 11.10 -7.35 6.53
N HIS B 222 10.54 -6.88 7.65
CA HIS B 222 11.27 -6.91 8.91
C HIS B 222 11.44 -8.34 9.42
N LEU B 223 10.44 -9.19 9.17
CA LEU B 223 10.57 -10.60 9.56
C LEU B 223 11.70 -11.28 8.78
N TYR B 224 11.88 -10.89 7.52
CA TYR B 224 12.96 -11.46 6.71
C TYR B 224 14.33 -11.03 7.23
N SER B 225 14.46 -9.76 7.65
CA SER B 225 15.71 -9.30 8.23
C SER B 225 15.97 -9.97 9.59
N MET B 226 14.91 -10.28 10.33
CA MET B 226 15.07 -11.05 11.56
C MET B 226 15.54 -12.47 11.27
N LYS B 227 15.16 -13.01 10.12
CA LYS B 227 15.66 -14.32 9.70
C LYS B 227 17.16 -14.25 9.39
N CYS B 228 17.57 -13.24 8.61
CA CYS B 228 18.97 -13.13 8.22
C CYS B 228 19.87 -12.80 9.41
N LYS B 229 19.37 -12.03 10.37
CA LYS B 229 20.20 -11.55 11.48
C LYS B 229 20.30 -12.56 12.62
N ASN B 230 19.17 -13.11 13.08
CA ASN B 230 19.16 -13.94 14.28
C ASN B 230 18.41 -15.25 14.09
N LYS B 231 18.22 -15.70 12.85
CA LYS B 231 17.61 -16.98 12.52
C LYS B 231 16.19 -17.10 13.05
N VAL B 232 15.51 -15.98 13.30
CA VAL B 232 14.11 -15.98 13.69
C VAL B 232 13.32 -16.63 12.56
N PRO B 233 12.61 -17.73 12.81
CA PRO B 233 12.00 -18.52 11.74
C PRO B 233 10.56 -18.17 11.40
N LEU B 234 10.01 -17.06 11.92
CA LEU B 234 8.61 -16.76 11.66
C LEU B 234 8.37 -16.47 10.18
N TYR B 235 9.34 -15.84 9.51
CA TYR B 235 9.22 -15.60 8.08
C TYR B 235 9.06 -16.91 7.31
N ASP B 236 9.88 -17.91 7.65
CA ASP B 236 9.78 -19.20 6.98
C ASP B 236 8.49 -19.92 7.33
N LEU B 237 8.06 -19.83 8.59
CA LEU B 237 6.83 -20.49 9.01
C LEU B 237 5.61 -19.92 8.29
N LEU B 238 5.59 -18.59 8.10
CA LEU B 238 4.50 -17.98 7.36
C LEU B 238 4.49 -18.41 5.90
N LEU B 239 5.67 -18.45 5.27
CA LEU B 239 5.76 -18.88 3.88
C LEU B 239 5.42 -20.35 3.74
N GLU B 240 5.93 -21.19 4.65
CA GLU B 240 5.58 -22.61 4.61
C GLU B 240 4.10 -22.84 4.89
N MET B 241 3.48 -21.94 5.68
CA MET B 241 2.04 -22.02 5.90
C MET B 241 1.27 -21.75 4.62
N LEU B 242 1.77 -20.81 3.80
CA LEU B 242 1.11 -20.51 2.54
C LEU B 242 1.11 -21.72 1.60
N ASP B 243 2.11 -22.58 1.71
CA ASP B 243 2.19 -23.76 0.85
C ASP B 243 1.21 -24.84 1.29
N ALA B 244 1.14 -25.09 2.61
CA ALA B 244 0.22 -26.11 3.11
C ALA B 244 -1.23 -25.79 2.73
N HIS B 245 -1.55 -24.52 2.55
CA HIS B 245 -2.86 -24.09 2.10
C HIS B 245 -2.89 -23.80 0.60
N HIS B 246 -1.80 -24.12 -0.10
CA HIS B 246 -1.69 -24.01 -1.57
C HIS B 246 -2.16 -22.64 -2.07
N LEU B 247 -1.46 -21.60 -1.60
CA LEU B 247 -1.85 -20.24 -1.94
C LEU B 247 -0.98 -19.67 -3.06
#